data_3UJA
#
_entry.id   3UJA
#
_cell.length_a   89.664
_cell.length_b   44.075
_cell.length_c   77.053
_cell.angle_alpha   90.00
_cell.angle_beta   108.60
_cell.angle_gamma   90.00
#
_symmetry.space_group_name_H-M   'C 1 2 1'
#
loop_
_entity.id
_entity.type
_entity.pdbx_description
1 polymer 'Phosphoethanolamine N-methyltransferase'
2 non-polymer 'PHOSPHORIC ACID MONO-(2-AMINO-ETHYL) ESTER'
3 water water
#
_entity_poly.entity_id   1
_entity_poly.type   'polypeptide(L)'
_entity_poly.pdbx_seq_one_letter_code
;MTLIENLNSDKTFLENNQYTDEGVKVYEFIFGENYISSGGLEATKKILSDIELNENSKVLDIGSGLGGGCMYINEKYGAH
THGIDICSNIVNMANERVSGNNKIIFEANDILTKEFPENNFDLIYSRDAILHLSLENKNKLFQKCYKWLKPTGTLLITDY
CATEKENWDDEFKEYVKQRKYTLITVEEYADILTACNFKNVVSKDLSDYWNQLLEVEHKYLHENKEEFLKLFSEKKFISL
DDGWSRKIKDSKRKMQRWGYFKATKN
;
_entity_poly.pdbx_strand_id   A
#
# COMPACT_ATOMS: atom_id res chain seq x y z
N ASP A 10 5.71 -10.26 13.29
CA ASP A 10 5.11 -9.09 12.63
C ASP A 10 3.61 -9.26 12.40
N LYS A 11 3.23 -10.47 11.99
CA LYS A 11 1.84 -10.82 11.74
C LYS A 11 0.93 -10.52 12.94
N THR A 12 1.34 -10.98 14.11
CA THR A 12 0.54 -10.78 15.31
CA THR A 12 0.53 -10.78 15.30
C THR A 12 0.44 -9.29 15.65
N PHE A 13 1.55 -8.58 15.51
CA PHE A 13 1.56 -7.15 15.80
C PHE A 13 0.55 -6.40 14.93
N LEU A 14 0.56 -6.70 13.64
CA LEU A 14 -0.36 -6.05 12.72
C LEU A 14 -1.83 -6.44 12.99
N GLU A 15 -2.07 -7.74 13.19
CA GLU A 15 -3.44 -8.22 13.39
C GLU A 15 -4.10 -7.73 14.68
N ASN A 16 -3.28 -7.47 15.69
CA ASN A 16 -3.77 -7.12 17.02
C ASN A 16 -3.81 -5.62 17.29
N ASN A 17 -3.30 -4.82 16.36
CA ASN A 17 -3.20 -3.39 16.55
C ASN A 17 -3.73 -2.58 15.37
N GLN A 18 -2.86 -2.21 14.44
CA GLN A 18 -3.31 -1.37 13.34
C GLN A 18 -4.41 -2.03 12.49
N TYR A 19 -4.33 -3.35 12.32
CA TYR A 19 -5.24 -4.04 11.42
C TYR A 19 -6.10 -5.09 12.11
N THR A 20 -6.62 -4.74 13.28
CA THR A 20 -7.72 -5.49 13.87
C THR A 20 -8.89 -5.41 12.90
N ASP A 21 -9.87 -6.30 13.05
CA ASP A 21 -11.05 -6.26 12.19
C ASP A 21 -11.67 -4.86 12.17
N GLU A 22 -11.87 -4.28 13.34
CA GLU A 22 -12.47 -2.95 13.40
C GLU A 22 -11.56 -1.86 12.81
N GLY A 23 -10.26 -1.96 13.06
CA GLY A 23 -9.32 -1.03 12.46
C GLY A 23 -9.39 -1.04 10.94
N VAL A 24 -9.51 -2.24 10.37
CA VAL A 24 -9.63 -2.40 8.93
C VAL A 24 -10.93 -1.76 8.42
N LYS A 25 -12.02 -1.99 9.14
CA LYS A 25 -13.30 -1.40 8.74
C LYS A 25 -13.31 0.13 8.84
N VAL A 26 -12.65 0.66 9.86
CA VAL A 26 -12.51 2.11 9.96
C VAL A 26 -11.73 2.68 8.77
N TYR A 27 -10.61 2.04 8.43
CA TYR A 27 -9.84 2.46 7.29
C TYR A 27 -10.70 2.39 6.00
N GLU A 28 -11.48 1.32 5.86
CA GLU A 28 -12.29 1.16 4.66
C GLU A 28 -13.34 2.27 4.55
N PHE A 29 -13.86 2.71 5.69
CA PHE A 29 -14.86 3.78 5.69
C PHE A 29 -14.29 5.02 5.04
N ILE A 30 -13.07 5.39 5.40
CA ILE A 30 -12.49 6.64 4.91
C ILE A 30 -11.80 6.49 3.52
N PHE A 31 -11.15 5.36 3.27
CA PHE A 31 -10.49 5.14 1.98
C PHE A 31 -11.44 4.79 0.84
N GLY A 32 -12.52 4.08 1.16
CA GLY A 32 -13.48 3.64 0.18
C GLY A 32 -13.63 2.13 0.16
N GLU A 33 -14.79 1.65 -0.30
CA GLU A 33 -15.11 0.23 -0.31
C GLU A 33 -13.98 -0.62 -0.93
N ASN A 34 -13.53 -1.62 -0.19
CA ASN A 34 -12.50 -2.57 -0.67
C ASN A 34 -11.06 -2.05 -0.58
N TYR A 35 -10.88 -0.86 0.00
CA TYR A 35 -9.54 -0.27 0.11
C TYR A 35 -9.12 0.08 1.53
N ILE A 36 -7.85 -0.16 1.83
CA ILE A 36 -7.25 0.33 3.06
C ILE A 36 -5.98 1.13 2.76
N SER A 37 -5.85 1.55 1.51
CA SER A 37 -4.69 2.30 1.01
C SER A 37 -5.10 3.70 0.55
N SER A 38 -4.17 4.66 0.67
CA SER A 38 -4.38 6.06 0.24
C SER A 38 -5.11 6.21 -1.08
N GLY A 39 -6.17 7.02 -1.07
CA GLY A 39 -6.82 7.42 -2.31
C GLY A 39 -7.81 6.43 -2.88
N GLY A 40 -7.91 5.26 -2.27
CA GLY A 40 -8.86 4.23 -2.68
C GLY A 40 -8.92 4.03 -4.18
N LEU A 41 -10.14 3.97 -4.70
CA LEU A 41 -10.39 3.68 -6.11
C LEU A 41 -9.81 4.74 -7.04
N GLU A 42 -10.00 6.01 -6.70
CA GLU A 42 -9.56 7.09 -7.59
C GLU A 42 -8.06 7.10 -7.79
N ALA A 43 -7.30 6.91 -6.72
CA ALA A 43 -5.85 6.87 -6.80
C ALA A 43 -5.43 5.66 -7.64
N THR A 44 -6.11 4.54 -7.46
CA THR A 44 -5.81 3.32 -8.21
C THR A 44 -6.00 3.54 -9.71
N LYS A 45 -7.09 4.19 -10.09
CA LYS A 45 -7.29 4.51 -11.50
C LYS A 45 -6.13 5.34 -12.05
N LYS A 46 -5.70 6.33 -11.28
CA LYS A 46 -4.62 7.22 -11.72
C LYS A 46 -3.27 6.50 -11.84
N ILE A 47 -2.93 5.73 -10.81
CA ILE A 47 -1.66 5.00 -10.74
C ILE A 47 -1.52 3.97 -11.87
N LEU A 48 -2.65 3.42 -12.31
CA LEU A 48 -2.65 2.39 -13.35
C LEU A 48 -2.92 2.94 -14.76
N SER A 49 -3.00 4.26 -14.87
CA SER A 49 -3.49 4.86 -16.11
C SER A 49 -2.57 4.64 -17.31
N ASP A 50 -1.27 4.44 -17.06
CA ASP A 50 -0.31 4.23 -18.15
C ASP A 50 0.21 2.79 -18.17
N ILE A 51 -0.51 1.90 -17.48
CA ILE A 51 -0.10 0.51 -17.41
C ILE A 51 -0.88 -0.33 -18.42
N GLU A 52 -0.16 -1.17 -19.18
CA GLU A 52 -0.78 -2.04 -20.18
C GLU A 52 -0.71 -3.51 -19.76
N LEU A 53 -1.87 -4.14 -19.69
CA LEU A 53 -1.98 -5.57 -19.37
C LEU A 53 -3.14 -6.14 -20.16
N ASN A 54 -3.26 -7.46 -20.20
CA ASN A 54 -4.41 -8.06 -20.86
C ASN A 54 -4.81 -9.36 -20.17
N GLU A 55 -5.70 -10.11 -20.79
CA GLU A 55 -6.29 -11.28 -20.15
C GLU A 55 -5.26 -12.36 -19.86
N ASN A 56 -4.09 -12.29 -20.51
CA ASN A 56 -3.04 -13.27 -20.31
C ASN A 56 -1.98 -12.84 -19.29
N SER A 57 -2.09 -11.61 -18.80
CA SER A 57 -1.12 -11.09 -17.86
C SER A 57 -1.25 -11.76 -16.49
N LYS A 58 -0.11 -11.88 -15.81
CA LYS A 58 -0.07 -12.36 -14.42
C LYS A 58 0.42 -11.25 -13.51
N VAL A 59 -0.37 -10.94 -12.49
CA VAL A 59 -0.09 -9.83 -11.60
C VAL A 59 0.05 -10.33 -10.17
N LEU A 60 1.06 -9.81 -9.47
CA LEU A 60 1.20 -10.02 -8.02
C LEU A 60 0.93 -8.71 -7.30
N ASP A 61 0.05 -8.74 -6.30
CA ASP A 61 -0.21 -7.58 -5.43
C ASP A 61 0.34 -7.88 -4.04
N ILE A 62 1.40 -7.17 -3.66
CA ILE A 62 2.03 -7.35 -2.36
C ILE A 62 1.38 -6.41 -1.36
N GLY A 63 0.66 -6.98 -0.38
CA GLY A 63 -0.12 -6.22 0.57
C GLY A 63 -1.50 -5.94 0.01
N SER A 64 -2.19 -6.99 -0.39
CA SER A 64 -3.43 -6.85 -1.16
C SER A 64 -4.64 -6.36 -0.35
N GLY A 65 -4.52 -6.34 0.98
CA GLY A 65 -5.55 -5.72 1.80
C GLY A 65 -6.93 -6.32 1.58
N LEU A 66 -7.93 -5.45 1.41
CA LEU A 66 -9.30 -5.91 1.20
C LEU A 66 -9.58 -6.32 -0.24
N GLY A 67 -8.59 -6.17 -1.12
CA GLY A 67 -8.65 -6.74 -2.45
C GLY A 67 -9.07 -5.80 -3.56
N GLY A 68 -9.35 -4.55 -3.20
CA GLY A 68 -9.76 -3.54 -4.18
C GLY A 68 -8.84 -3.41 -5.38
N GLY A 69 -7.53 -3.41 -5.13
CA GLY A 69 -6.55 -3.31 -6.21
C GLY A 69 -6.65 -4.46 -7.20
N CYS A 70 -6.70 -5.68 -6.69
CA CYS A 70 -6.83 -6.87 -7.54
C CYS A 70 -8.15 -6.86 -8.30
N MET A 71 -9.23 -6.45 -7.62
CA MET A 71 -10.53 -6.37 -8.26
C MET A 71 -10.50 -5.41 -9.42
N TYR A 72 -9.87 -4.25 -9.22
CA TYR A 72 -9.78 -3.25 -10.28
C TYR A 72 -8.94 -3.73 -11.45
N ILE A 73 -7.77 -4.30 -11.14
CA ILE A 73 -6.88 -4.77 -12.18
C ILE A 73 -7.55 -5.87 -13.01
N ASN A 74 -8.23 -6.79 -12.34
CA ASN A 74 -8.93 -7.82 -13.08
C ASN A 74 -10.11 -7.25 -13.90
N GLU A 75 -10.79 -6.28 -13.35
CA GLU A 75 -11.87 -5.65 -14.08
C GLU A 75 -11.40 -4.89 -15.30
N LYS A 76 -10.36 -4.12 -15.14
CA LYS A 76 -9.87 -3.26 -16.23
C LYS A 76 -9.22 -4.07 -17.34
N TYR A 77 -8.40 -5.05 -16.97
CA TYR A 77 -7.59 -5.75 -17.96
C TYR A 77 -7.94 -7.22 -18.18
N GLY A 78 -8.67 -7.82 -17.24
CA GLY A 78 -8.98 -9.25 -17.32
C GLY A 78 -7.80 -10.10 -16.90
N ALA A 79 -6.82 -9.48 -16.28
CA ALA A 79 -5.58 -10.15 -15.85
C ALA A 79 -5.78 -11.16 -14.73
N HIS A 80 -4.88 -12.14 -14.66
CA HIS A 80 -4.79 -13.02 -13.50
C HIS A 80 -4.16 -12.23 -12.37
N THR A 81 -4.84 -12.14 -11.24
CA THR A 81 -4.30 -11.41 -10.09
C THR A 81 -4.14 -12.32 -8.88
N HIS A 82 -2.99 -12.20 -8.21
CA HIS A 82 -2.69 -12.97 -7.01
C HIS A 82 -2.27 -11.97 -5.93
N GLY A 83 -3.08 -11.84 -4.88
CA GLY A 83 -2.74 -10.93 -3.81
C GLY A 83 -2.22 -11.68 -2.62
N ILE A 84 -1.19 -11.13 -1.99
CA ILE A 84 -0.67 -11.68 -0.75
CA ILE A 84 -0.66 -11.68 -0.75
C ILE A 84 -0.71 -10.64 0.36
N ASP A 85 -1.13 -11.08 1.53
CA ASP A 85 -1.15 -10.19 2.68
C ASP A 85 -0.84 -11.02 3.90
N ILE A 86 -0.06 -10.48 4.82
CA ILE A 86 0.33 -11.27 5.99
C ILE A 86 -0.82 -11.42 7.02
N CYS A 87 -1.79 -10.51 6.99
CA CYS A 87 -2.88 -10.55 7.95
C CYS A 87 -4.00 -11.48 7.49
N SER A 88 -4.14 -12.59 8.19
CA SER A 88 -5.14 -13.62 7.87
CA SER A 88 -5.14 -13.60 7.81
C SER A 88 -6.57 -13.07 7.92
N ASN A 89 -6.82 -12.22 8.90
CA ASN A 89 -8.14 -11.63 9.06
C ASN A 89 -8.55 -10.76 7.86
N ILE A 90 -7.61 -9.97 7.33
CA ILE A 90 -7.90 -9.15 6.17
C ILE A 90 -8.11 -10.00 4.93
N VAL A 91 -7.29 -11.03 4.76
CA VAL A 91 -7.46 -11.96 3.64
C VAL A 91 -8.83 -12.65 3.70
N ASN A 92 -9.28 -13.03 4.89
CA ASN A 92 -10.60 -13.61 5.05
C ASN A 92 -11.68 -12.64 4.59
N MET A 93 -11.53 -11.37 4.94
CA MET A 93 -12.46 -10.35 4.48
C MET A 93 -12.44 -10.18 2.96
N ALA A 94 -11.24 -10.16 2.38
CA ALA A 94 -11.10 -10.01 0.94
C ALA A 94 -11.81 -11.16 0.25
N ASN A 95 -11.62 -12.37 0.77
CA ASN A 95 -12.21 -13.55 0.16
C ASN A 95 -13.73 -13.54 0.18
N GLU A 96 -14.31 -12.84 1.15
CA GLU A 96 -15.78 -12.73 1.24
C GLU A 96 -16.36 -11.84 0.15
N ARG A 97 -15.54 -10.93 -0.38
CA ARG A 97 -16.01 -9.92 -1.32
C ARG A 97 -15.88 -10.32 -2.80
N VAL A 98 -15.30 -11.48 -3.07
CA VAL A 98 -15.10 -11.94 -4.43
C VAL A 98 -15.60 -13.37 -4.55
N SER A 99 -16.46 -13.63 -5.52
CA SER A 99 -16.92 -14.98 -5.75
C SER A 99 -16.98 -15.31 -7.23
N GLY A 100 -16.81 -16.59 -7.56
CA GLY A 100 -16.96 -17.06 -8.92
C GLY A 100 -15.94 -16.53 -9.91
N ASN A 101 -14.82 -16.03 -9.41
CA ASN A 101 -13.80 -15.45 -10.28
C ASN A 101 -12.46 -16.17 -10.10
N ASN A 102 -12.15 -17.08 -11.00
CA ASN A 102 -10.95 -17.91 -10.87
C ASN A 102 -9.68 -17.17 -11.24
N LYS A 103 -9.81 -15.88 -11.53
CA LYS A 103 -8.63 -15.07 -11.86
C LYS A 103 -8.25 -14.08 -10.75
N ILE A 104 -8.91 -14.20 -9.60
CA ILE A 104 -8.55 -13.43 -8.42
C ILE A 104 -8.29 -14.44 -7.31
N ILE A 105 -7.10 -14.38 -6.73
CA ILE A 105 -6.75 -15.26 -5.63
C ILE A 105 -6.12 -14.41 -4.57
N PHE A 106 -6.58 -14.58 -3.32
CA PHE A 106 -5.93 -13.94 -2.19
C PHE A 106 -5.33 -15.01 -1.31
N GLU A 107 -4.15 -14.71 -0.76
CA GLU A 107 -3.43 -15.65 0.05
C GLU A 107 -2.85 -14.96 1.27
N ALA A 108 -3.06 -15.54 2.45
CA ALA A 108 -2.41 -15.06 3.66
C ALA A 108 -1.05 -15.72 3.78
N ASN A 109 0.01 -14.91 3.67
CA ASN A 109 1.37 -15.42 3.76
C ASN A 109 2.33 -14.28 4.00
N ASP A 110 3.55 -14.62 4.41
CA ASP A 110 4.65 -13.66 4.54
C ASP A 110 5.40 -13.60 3.21
N ILE A 111 5.34 -12.46 2.53
CA ILE A 111 6.00 -12.31 1.24
C ILE A 111 7.51 -12.56 1.31
N LEU A 112 8.10 -12.38 2.50
CA LEU A 112 9.54 -12.59 2.68
C LEU A 112 9.95 -14.06 2.68
N THR A 113 8.98 -14.96 2.87
CA THR A 113 9.27 -16.40 2.84
C THR A 113 8.56 -17.12 1.68
N LYS A 114 7.58 -16.46 1.07
CA LYS A 114 6.83 -17.03 -0.05
C LYS A 114 7.76 -17.35 -1.22
N GLU A 115 7.53 -18.48 -1.87
CA GLU A 115 8.27 -18.82 -3.07
C GLU A 115 7.42 -18.70 -4.34
N PHE A 116 7.95 -18.00 -5.33
CA PHE A 116 7.36 -17.91 -6.67
C PHE A 116 8.43 -18.27 -7.67
N PRO A 117 8.03 -18.76 -8.84
CA PRO A 117 9.01 -19.07 -9.89
C PRO A 117 9.68 -17.80 -10.39
N GLU A 118 10.91 -17.92 -10.87
CA GLU A 118 11.56 -16.82 -11.53
C GLU A 118 10.80 -16.49 -12.82
N ASN A 119 10.85 -15.23 -13.25
CA ASN A 119 10.28 -14.84 -14.54
C ASN A 119 8.80 -15.17 -14.66
N ASN A 120 8.05 -14.83 -13.61
CA ASN A 120 6.67 -15.28 -13.48
C ASN A 120 5.63 -14.19 -13.75
N PHE A 121 5.89 -12.97 -13.29
CA PHE A 121 4.87 -11.92 -13.30
C PHE A 121 5.09 -10.81 -14.32
N ASP A 122 4.00 -10.37 -14.95
CA ASP A 122 4.05 -9.21 -15.82
C ASP A 122 4.06 -7.90 -15.05
N LEU A 123 3.43 -7.90 -13.87
CA LEU A 123 3.36 -6.72 -13.03
C LEU A 123 3.47 -7.17 -11.59
N ILE A 124 4.35 -6.53 -10.84
CA ILE A 124 4.35 -6.63 -9.39
C ILE A 124 3.95 -5.26 -8.85
N TYR A 125 2.90 -5.24 -8.05
CA TYR A 125 2.19 -4.03 -7.66
C TYR A 125 2.10 -4.01 -6.15
N SER A 126 2.35 -2.86 -5.55
CA SER A 126 2.24 -2.76 -4.10
C SER A 126 1.86 -1.35 -3.69
N ARG A 127 0.83 -1.23 -2.86
CA ARG A 127 0.33 0.06 -2.43
C ARG A 127 0.41 0.23 -0.92
N ASP A 128 1.34 1.08 -0.47
CA ASP A 128 1.43 1.50 0.93
C ASP A 128 1.52 0.31 1.87
N ALA A 129 2.41 -0.63 1.56
CA ALA A 129 2.54 -1.86 2.34
C ALA A 129 4.00 -2.12 2.75
N ILE A 130 4.94 -1.61 1.97
CA ILE A 130 6.33 -1.95 2.22
C ILE A 130 6.95 -1.14 3.39
N LEU A 131 6.25 -0.09 3.80
CA LEU A 131 6.63 0.69 4.98
C LEU A 131 6.73 -0.16 6.26
N HIS A 132 6.06 -1.31 6.28
CA HIS A 132 6.09 -2.19 7.44
C HIS A 132 7.42 -2.95 7.56
N LEU A 133 8.17 -3.02 6.47
CA LEU A 133 9.42 -3.78 6.45
CA LEU A 133 9.42 -3.78 6.47
C LEU A 133 10.64 -2.96 6.90
N SER A 134 11.54 -3.60 7.66
CA SER A 134 12.81 -2.99 8.00
C SER A 134 13.61 -2.72 6.71
N LEU A 135 14.60 -1.83 6.79
CA LEU A 135 15.43 -1.52 5.64
C LEU A 135 16.06 -2.78 5.06
N GLU A 136 16.58 -3.65 5.91
CA GLU A 136 17.17 -4.91 5.47
C GLU A 136 16.16 -5.73 4.67
N ASN A 137 14.92 -5.76 5.14
CA ASN A 137 13.90 -6.54 4.48
C ASN A 137 13.32 -5.89 3.23
N LYS A 138 13.33 -4.57 3.15
CA LYS A 138 12.96 -3.89 1.90
C LYS A 138 13.90 -4.35 0.79
N ASN A 139 15.20 -4.33 1.07
CA ASN A 139 16.19 -4.76 0.08
CA ASN A 139 16.20 -4.78 0.10
C ASN A 139 15.99 -6.23 -0.31
N LYS A 140 15.79 -7.10 0.68
CA LYS A 140 15.51 -8.50 0.41
C LYS A 140 14.28 -8.67 -0.47
N LEU A 141 13.21 -7.93 -0.15
CA LEU A 141 12.00 -8.03 -0.94
C LEU A 141 12.21 -7.62 -2.39
N PHE A 142 12.89 -6.51 -2.61
CA PHE A 142 13.08 -6.04 -3.98
C PHE A 142 13.99 -6.96 -4.81
N GLN A 143 14.94 -7.62 -4.16
CA GLN A 143 15.71 -8.65 -4.83
C GLN A 143 14.82 -9.80 -5.26
N LYS A 144 13.87 -10.17 -4.41
CA LYS A 144 12.96 -11.24 -4.76
C LYS A 144 12.07 -10.83 -5.92
N CYS A 145 11.58 -9.60 -5.86
CA CYS A 145 10.73 -9.06 -6.93
C CYS A 145 11.46 -9.07 -8.26
N TYR A 146 12.75 -8.72 -8.25
CA TYR A 146 13.52 -8.70 -9.48
C TYR A 146 13.51 -10.08 -10.12
N LYS A 147 13.75 -11.11 -9.32
CA LYS A 147 13.73 -12.50 -9.79
C LYS A 147 12.34 -12.89 -10.32
N TRP A 148 11.30 -12.53 -9.57
CA TRP A 148 9.95 -12.95 -9.89
C TRP A 148 9.36 -12.30 -11.14
N LEU A 149 9.86 -11.13 -11.52
CA LEU A 149 9.38 -10.45 -12.72
C LEU A 149 9.81 -11.17 -13.99
N LYS A 150 8.91 -11.20 -14.98
CA LYS A 150 9.30 -11.60 -16.32
C LYS A 150 10.29 -10.60 -16.86
N PRO A 151 11.11 -11.03 -17.83
CA PRO A 151 12.05 -10.09 -18.46
C PRO A 151 11.36 -8.83 -18.96
N THR A 152 10.10 -8.95 -19.40
CA THR A 152 9.34 -7.81 -19.90
C THR A 152 8.50 -7.13 -18.81
N GLY A 153 8.70 -7.54 -17.57
CA GLY A 153 7.81 -7.13 -16.49
C GLY A 153 8.08 -5.76 -15.89
N THR A 154 7.11 -5.26 -15.12
CA THR A 154 7.17 -3.95 -14.50
C THR A 154 6.90 -4.04 -13.02
N LEU A 155 7.61 -3.23 -12.23
CA LEU A 155 7.37 -3.08 -10.80
C LEU A 155 6.70 -1.73 -10.60
N LEU A 156 5.61 -1.70 -9.85
CA LEU A 156 4.88 -0.45 -9.63
C LEU A 156 4.51 -0.36 -8.15
N ILE A 157 5.00 0.70 -7.48
CA ILE A 157 4.86 0.83 -6.02
CA ILE A 157 4.86 0.83 -6.03
C ILE A 157 4.44 2.23 -5.63
N THR A 158 3.56 2.32 -4.63
CA THR A 158 3.46 3.56 -3.86
C THR A 158 3.81 3.19 -2.42
N ASP A 159 4.43 4.10 -1.71
CA ASP A 159 4.74 3.80 -0.31
C ASP A 159 4.89 5.08 0.49
N TYR A 160 4.69 4.97 1.79
CA TYR A 160 4.94 6.10 2.67
C TYR A 160 6.44 6.30 2.77
N CYS A 161 6.86 7.55 2.63
CA CYS A 161 8.26 7.94 2.72
C CYS A 161 8.36 9.13 3.66
N ALA A 162 9.56 9.66 3.82
CA ALA A 162 9.74 10.79 4.73
C ALA A 162 10.95 11.62 4.36
N THR A 163 11.02 12.82 4.93
CA THR A 163 12.25 13.60 4.94
C THR A 163 13.32 12.83 5.72
N GLU A 164 14.56 13.29 5.64
CA GLU A 164 15.64 12.66 6.40
C GLU A 164 15.29 12.64 7.89
N LYS A 165 15.68 11.58 8.59
CA LYS A 165 15.33 11.41 10.00
C LYS A 165 15.80 12.55 10.91
N GLU A 166 16.90 13.18 10.53
CA GLU A 166 17.45 14.30 11.29
C GLU A 166 16.45 15.45 11.42
N ASN A 167 15.49 15.52 10.49
CA ASN A 167 14.50 16.59 10.42
C ASN A 167 13.18 16.29 11.12
N TRP A 168 13.02 15.09 11.66
CA TRP A 168 11.73 14.69 12.21
C TRP A 168 11.45 15.40 13.52
N ASP A 169 10.21 15.83 13.73
CA ASP A 169 9.85 16.40 15.03
C ASP A 169 9.30 15.35 15.98
N ASP A 170 9.00 15.75 17.21
CA ASP A 170 8.56 14.82 18.24
C ASP A 170 7.31 14.04 17.85
N GLU A 171 6.32 14.75 17.32
CA GLU A 171 5.05 14.16 16.92
C GLU A 171 5.26 13.09 15.85
N PHE A 172 6.10 13.40 14.88
CA PHE A 172 6.33 12.46 13.77
C PHE A 172 7.11 11.25 14.24
N LYS A 173 8.14 11.48 15.05
CA LYS A 173 8.88 10.38 15.64
C LYS A 173 7.96 9.41 16.37
N GLU A 174 7.00 9.95 17.12
CA GLU A 174 6.07 9.12 17.89
C GLU A 174 5.15 8.29 16.99
N TYR A 175 4.65 8.91 15.92
CA TYR A 175 3.83 8.22 14.93
C TYR A 175 4.58 7.05 14.32
N VAL A 176 5.78 7.31 13.83
CA VAL A 176 6.58 6.27 13.20
C VAL A 176 6.88 5.14 14.18
N LYS A 177 7.22 5.49 15.42
CA LYS A 177 7.53 4.49 16.44
C LYS A 177 6.31 3.63 16.79
N GLN A 178 5.15 4.27 16.98
CA GLN A 178 3.93 3.56 17.36
C GLN A 178 3.50 2.60 16.25
N ARG A 179 3.65 3.04 15.00
CA ARG A 179 3.26 2.23 13.85
C ARG A 179 4.28 1.14 13.53
N LYS A 180 5.49 1.29 14.07
CA LYS A 180 6.65 0.45 13.73
C LYS A 180 7.01 0.50 12.24
N TYR A 181 6.78 1.65 11.62
CA TYR A 181 7.16 1.85 10.24
C TYR A 181 8.66 2.07 10.13
N THR A 182 9.21 1.72 8.98
CA THR A 182 10.54 2.16 8.60
C THR A 182 10.37 3.07 7.39
N LEU A 183 10.48 4.37 7.61
CA LEU A 183 10.27 5.34 6.54
C LEU A 183 11.61 5.93 6.08
N ILE A 184 11.89 5.75 4.80
CA ILE A 184 13.10 6.30 4.19
C ILE A 184 12.74 7.38 3.19
N THR A 185 13.75 8.07 2.66
CA THR A 185 13.47 9.13 1.72
C THR A 185 13.14 8.52 0.36
N VAL A 186 12.43 9.30 -0.45
CA VAL A 186 12.14 8.88 -1.82
C VAL A 186 13.43 8.53 -2.56
N GLU A 187 14.48 9.33 -2.36
CA GLU A 187 15.76 9.10 -3.03
C GLU A 187 16.43 7.80 -2.57
N GLU A 188 16.37 7.50 -1.28
CA GLU A 188 16.96 6.26 -0.76
C GLU A 188 16.22 5.06 -1.34
N TYR A 189 14.92 5.20 -1.44
CA TYR A 189 14.07 4.14 -1.96
C TYR A 189 14.45 3.84 -3.42
N ALA A 190 14.58 4.89 -4.23
CA ALA A 190 14.98 4.71 -5.63
C ALA A 190 16.35 4.05 -5.74
N ASP A 191 17.24 4.41 -4.82
CA ASP A 191 18.58 3.84 -4.80
C ASP A 191 18.56 2.34 -4.52
N ILE A 192 17.64 1.89 -3.67
CA ILE A 192 17.47 0.45 -3.45
C ILE A 192 17.07 -0.27 -4.72
N LEU A 193 16.11 0.29 -5.46
CA LEU A 193 15.71 -0.34 -6.70
C LEU A 193 16.86 -0.42 -7.69
N THR A 194 17.64 0.64 -7.78
CA THR A 194 18.80 0.67 -8.68
C THR A 194 19.83 -0.37 -8.27
N ALA A 195 20.06 -0.49 -6.96
CA ALA A 195 21.01 -1.48 -6.44
C ALA A 195 20.55 -2.91 -6.72
N CYS A 196 19.23 -3.13 -6.80
CA CYS A 196 18.67 -4.44 -7.12
C CYS A 196 18.66 -4.71 -8.62
N ASN A 197 19.21 -3.81 -9.39
CA ASN A 197 19.36 -3.99 -10.80
C ASN A 197 18.17 -3.68 -11.66
N PHE A 198 17.16 -3.03 -11.11
CA PHE A 198 16.03 -2.59 -11.90
C PHE A 198 16.48 -1.53 -12.89
N LYS A 199 15.79 -1.49 -14.02
CA LYS A 199 16.10 -0.56 -15.09
C LYS A 199 14.99 0.49 -15.16
N ASN A 200 15.28 1.62 -15.80
CA ASN A 200 14.29 2.67 -16.04
C ASN A 200 13.57 3.04 -14.76
N VAL A 201 14.33 3.15 -13.69
CA VAL A 201 13.75 3.50 -12.41
C VAL A 201 13.23 4.92 -12.44
N VAL A 202 11.92 5.05 -12.26
CA VAL A 202 11.29 6.36 -12.16
C VAL A 202 10.75 6.52 -10.75
N SER A 203 11.14 7.59 -10.08
CA SER A 203 10.55 7.91 -8.79
C SER A 203 9.87 9.27 -8.86
N LYS A 204 8.71 9.38 -8.23
CA LYS A 204 7.99 10.63 -8.15
C LYS A 204 7.63 10.91 -6.70
N ASP A 205 7.98 12.10 -6.23
CA ASP A 205 7.47 12.55 -4.94
C ASP A 205 6.05 13.08 -5.19
N LEU A 206 5.06 12.27 -4.81
CA LEU A 206 3.67 12.64 -5.04
C LEU A 206 2.99 13.16 -3.78
N SER A 207 3.77 13.83 -2.93
CA SER A 207 3.25 14.36 -1.68
C SER A 207 2.12 15.37 -1.87
N ASP A 208 2.22 16.22 -2.90
CA ASP A 208 1.15 17.18 -3.16
C ASP A 208 -0.16 16.49 -3.56
N TYR A 209 -0.08 15.48 -4.41
CA TYR A 209 -1.24 14.70 -4.78
C TYR A 209 -1.78 13.94 -3.56
N TRP A 210 -0.87 13.40 -2.76
CA TRP A 210 -1.28 12.68 -1.56
C TRP A 210 -2.06 13.62 -0.62
N ASN A 211 -1.57 14.84 -0.48
CA ASN A 211 -2.25 15.84 0.33
C ASN A 211 -3.67 16.11 -0.21
N GLN A 212 -3.81 16.13 -1.53
CA GLN A 212 -5.13 16.32 -2.11
C GLN A 212 -6.06 15.14 -1.78
N LEU A 213 -5.53 13.93 -1.88
CA LEU A 213 -6.31 12.73 -1.54
C LEU A 213 -6.73 12.75 -0.08
N LEU A 214 -5.80 13.14 0.79
CA LEU A 214 -6.10 13.22 2.23
C LEU A 214 -7.20 14.24 2.50
N GLU A 215 -7.19 15.35 1.75
CA GLU A 215 -8.20 16.39 1.97
C GLU A 215 -9.58 15.93 1.55
N VAL A 216 -9.67 15.20 0.44
CA VAL A 216 -10.94 14.63 -0.01
C VAL A 216 -11.46 13.66 1.06
N GLU A 217 -10.57 12.80 1.53
CA GLU A 217 -10.93 11.83 2.56
C GLU A 217 -11.37 12.51 3.85
N HIS A 218 -10.65 13.56 4.25
CA HIS A 218 -10.97 14.31 5.47
C HIS A 218 -12.36 14.94 5.36
N LYS A 219 -12.63 15.56 4.21
CA LYS A 219 -13.93 16.17 3.96
C LYS A 219 -15.03 15.12 4.03
N TYR A 220 -14.80 13.98 3.40
CA TYR A 220 -15.76 12.88 3.43
C TYR A 220 -16.06 12.43 4.87
N LEU A 221 -15.01 12.29 5.68
CA LEU A 221 -15.17 11.88 7.07
C LEU A 221 -16.08 12.85 7.81
N HIS A 222 -15.81 14.14 7.66
CA HIS A 222 -16.58 15.17 8.34
C HIS A 222 -18.05 15.20 7.90
N GLU A 223 -18.27 15.06 6.60
CA GLU A 223 -19.63 15.12 6.07
C GLU A 223 -20.45 13.87 6.41
N ASN A 224 -19.75 12.79 6.75
CA ASN A 224 -20.40 11.54 7.09
C ASN A 224 -20.19 11.12 8.54
N LYS A 225 -19.97 12.12 9.40
CA LYS A 225 -19.69 11.86 10.80
C LYS A 225 -20.82 11.09 11.49
N GLU A 226 -22.07 11.48 11.21
CA GLU A 226 -23.19 10.85 11.88
C GLU A 226 -23.18 9.35 11.62
N GLU A 227 -22.98 8.98 10.36
CA GLU A 227 -22.91 7.57 9.98
C GLU A 227 -21.70 6.89 10.61
N PHE A 228 -20.55 7.58 10.63
CA PHE A 228 -19.38 7.02 11.28
C PHE A 228 -19.65 6.70 12.75
N LEU A 229 -20.29 7.62 13.46
CA LEU A 229 -20.54 7.43 14.88
C LEU A 229 -21.47 6.24 15.15
N LYS A 230 -22.42 6.03 14.24
CA LYS A 230 -23.33 4.89 14.33
C LYS A 230 -22.60 3.56 14.15
N LEU A 231 -21.64 3.51 13.22
CA LEU A 231 -20.91 2.29 12.93
C LEU A 231 -19.80 2.01 13.94
N PHE A 232 -19.20 3.07 14.47
CA PHE A 232 -17.99 2.95 15.28
C PHE A 232 -18.22 3.64 16.63
N SER A 233 -17.52 4.72 16.89
CA SER A 233 -17.62 5.44 18.16
C SER A 233 -16.98 6.81 18.01
N GLU A 234 -17.31 7.72 18.93
CA GLU A 234 -16.72 9.05 18.89
C GLU A 234 -15.21 8.99 19.13
N LYS A 235 -14.78 8.10 20.03
CA LYS A 235 -13.35 7.94 20.30
C LYS A 235 -12.60 7.60 19.01
N LYS A 236 -13.12 6.63 18.26
CA LYS A 236 -12.49 6.23 17.00
C LYS A 236 -12.54 7.36 15.95
N PHE A 237 -13.61 8.15 15.97
CA PHE A 237 -13.72 9.28 15.07
C PHE A 237 -12.62 10.30 15.34
N ILE A 238 -12.42 10.63 16.61
CA ILE A 238 -11.43 11.63 16.97
C ILE A 238 -10.02 11.16 16.60
N SER A 239 -9.73 9.89 16.86
CA SER A 239 -8.44 9.31 16.50
C SER A 239 -8.18 9.39 14.99
N LEU A 240 -9.19 9.00 14.21
CA LEU A 240 -9.09 9.04 12.75
C LEU A 240 -8.94 10.48 12.24
N ASP A 241 -9.79 11.36 12.75
CA ASP A 241 -9.77 12.76 12.36
C ASP A 241 -8.42 13.40 12.64
N ASP A 242 -7.91 13.20 13.85
CA ASP A 242 -6.61 13.76 14.22
C ASP A 242 -5.48 13.17 13.38
N GLY A 243 -5.59 11.89 13.06
CA GLY A 243 -4.57 11.21 12.27
C GLY A 243 -4.48 11.78 10.87
N TRP A 244 -5.64 12.05 10.27
CA TRP A 244 -5.66 12.64 8.93
C TRP A 244 -5.17 14.09 9.00
N SER A 245 -5.56 14.81 10.04
CA SER A 245 -5.08 16.19 10.19
CA SER A 245 -5.09 16.19 10.22
C SER A 245 -3.57 16.26 10.23
N ARG A 246 -2.93 15.34 10.95
CA ARG A 246 -1.48 15.35 11.02
C ARG A 246 -0.84 14.99 9.69
N LYS A 247 -1.41 14.02 8.98
CA LYS A 247 -0.86 13.66 7.67
C LYS A 247 -1.00 14.81 6.68
N ILE A 248 -2.08 15.58 6.80
CA ILE A 248 -2.27 16.72 5.90
C ILE A 248 -1.20 17.78 6.20
N LYS A 249 -1.03 18.10 7.49
CA LYS A 249 0.01 19.04 7.90
C LYS A 249 1.40 18.58 7.49
N ASP A 250 1.71 17.33 7.75
CA ASP A 250 3.07 16.85 7.53
C ASP A 250 3.41 16.62 6.07
N SER A 251 2.40 16.34 5.25
CA SER A 251 2.62 16.23 3.80
C SER A 251 2.78 17.61 3.17
N LYS A 252 2.06 18.60 3.70
CA LYS A 252 2.17 19.96 3.20
C LYS A 252 3.59 20.49 3.38
N ARG A 253 4.21 20.13 4.51
CA ARG A 253 5.58 20.59 4.76
C ARG A 253 6.66 19.56 4.41
N LYS A 254 6.26 18.48 3.76
CA LYS A 254 7.20 17.50 3.22
C LYS A 254 7.95 16.71 4.30
N MET A 255 7.41 16.66 5.49
N MET A 255 7.40 16.69 5.50
CA MET A 255 8.00 15.82 6.53
CA MET A 255 7.91 15.86 6.60
C MET A 255 7.58 14.36 6.30
C MET A 255 7.58 14.40 6.31
N GLN A 256 6.30 14.14 6.05
CA GLN A 256 5.85 12.82 5.62
C GLN A 256 5.56 12.93 4.13
N ARG A 257 6.10 12.00 3.35
CA ARG A 257 6.01 12.06 1.89
C ARG A 257 5.33 10.85 1.32
N TRP A 258 4.85 10.96 0.08
CA TRP A 258 4.26 9.82 -0.61
C TRP A 258 5.06 9.55 -1.87
N GLY A 259 5.67 8.37 -1.92
CA GLY A 259 6.52 8.02 -3.04
C GLY A 259 5.87 7.08 -4.03
N TYR A 260 6.08 7.37 -5.31
CA TYR A 260 5.68 6.51 -6.41
C TYR A 260 6.94 6.00 -7.08
N PHE A 261 6.97 4.72 -7.44
CA PHE A 261 8.12 4.11 -8.08
C PHE A 261 7.65 3.17 -9.16
N LYS A 262 8.27 3.28 -10.33
CA LYS A 262 8.02 2.35 -11.42
C LYS A 262 9.38 1.95 -12.00
N ALA A 263 9.54 0.68 -12.31
CA ALA A 263 10.81 0.22 -12.86
C ALA A 263 10.57 -1.04 -13.65
N THR A 264 11.57 -1.45 -14.42
CA THR A 264 11.44 -2.65 -15.23
C THR A 264 12.60 -3.59 -15.00
N LYS A 265 12.44 -4.85 -15.38
CA LYS A 265 13.53 -5.80 -15.22
C LYS A 265 14.60 -5.62 -16.29
N ASN A 266 14.18 -5.27 -17.51
CA ASN A 266 15.10 -5.05 -18.63
C ASN A 266 14.81 -3.75 -19.35
#